data_3HKO
#
_entry.id   3HKO
#
_cell.length_a   54.480
_cell.length_b   63.045
_cell.length_c   84.041
_cell.angle_alpha   90.000
_cell.angle_beta   90.000
_cell.angle_gamma   90.000
#
_symmetry.space_group_name_H-M   'P 21 21 21'
#
loop_
_entity.id
_entity.type
_entity.pdbx_description
1 polymer 'Calcium/calmodulin-dependent protein kinase with a kinase domain and 2 calmodulin-like EF hands'
2 non-polymer GLYCEROL
3 non-polymer 'ZINC ION'
4 non-polymer 'PHOSPHOAMINOPHOSPHONIC ACID-ADENYLATE ESTER'
5 non-polymer 'MAGNESIUM ION'
6 water water
#
_entity_poly.entity_id   1
_entity_poly.type   'polypeptide(L)'
_entity_poly.pdbx_seq_one_letter_code
;MHHHHHHSSGRENLYFQGGSLLELQKKYHLKGAIGQGSYGVVRVAIENQTRAIRAIKIMNKNKIRQINPKDVERIKTEVR
LMKKLHHPNIARLYEVYEDEQYICLVMELCHGGHLLDKLNVFIDDSTGKCAMDVVKTQICPCPECNEEAINGSIHGFRES
LDFVQREKLISNIMRQIFSALHYLHNQGICHRDIKPENFLFSTNKSFEIKLVDFGLSKEFYKLNNGEYYGMTTKAGTPYF
VAPEVLNTTNESYGPKCDAWSAGVLLHLLLMGAVPFPGVNDADTISQVLNKKLCFENPNYNVLSPLARDLLSNLLNRNVD
ERFDAMRALQHPWISQFSDKIYKMS
;
_entity_poly.pdbx_strand_id   A
#
loop_
_chem_comp.id
_chem_comp.type
_chem_comp.name
_chem_comp.formula
ANP non-polymer 'PHOSPHOAMINOPHOSPHONIC ACID-ADENYLATE ESTER' 'C10 H17 N6 O12 P3'
GOL non-polymer GLYCEROL 'C3 H8 O3'
MG non-polymer 'MAGNESIUM ION' 'Mg 2'
ZN non-polymer 'ZINC ION' 'Zn 2'
#
# COMPACT_ATOMS: atom_id res chain seq x y z
N LEU A 14 13.56 -7.77 -21.70
CA LEU A 14 12.14 -7.46 -21.35
C LEU A 14 11.17 -8.29 -22.17
N TYR A 15 11.24 -9.61 -22.00
CA TYR A 15 10.26 -10.51 -22.60
C TYR A 15 9.57 -11.30 -21.49
N PHE A 16 8.25 -11.29 -21.49
CA PHE A 16 7.46 -11.81 -20.38
C PHE A 16 6.62 -13.03 -20.77
N GLN A 17 6.88 -13.61 -21.94
CA GLN A 17 6.05 -14.68 -22.51
C GLN A 17 4.57 -14.31 -22.54
N GLY A 18 4.28 -13.05 -22.88
CA GLY A 18 2.90 -12.57 -22.89
C GLY A 18 2.16 -12.93 -24.18
N GLY A 19 0.85 -12.74 -24.18
CA GLY A 19 0.06 -12.86 -25.42
C GLY A 19 0.33 -11.70 -26.35
N SER A 20 -0.25 -11.75 -27.55
CA SER A 20 -0.05 -10.68 -28.55
C SER A 20 -0.94 -9.49 -28.25
N LEU A 21 -0.53 -8.31 -28.68
CA LEU A 21 -1.38 -7.13 -28.54
C LEU A 21 -2.61 -7.21 -29.42
N LEU A 22 -2.53 -7.99 -30.50
CA LEU A 22 -3.70 -8.26 -31.34
C LEU A 22 -4.75 -8.98 -30.50
N GLU A 23 -4.32 -9.99 -29.74
CA GLU A 23 -5.24 -10.69 -28.83
C GLU A 23 -5.83 -9.72 -27.80
N LEU A 24 -4.97 -8.88 -27.22
CA LEU A 24 -5.39 -7.89 -26.22
CA LEU A 24 -5.42 -7.91 -26.21
C LEU A 24 -6.55 -7.06 -26.76
N GLN A 25 -6.36 -6.45 -27.94
CA GLN A 25 -7.40 -5.57 -28.51
C GLN A 25 -8.70 -6.29 -28.89
N LYS A 26 -8.62 -7.61 -29.14
CA LYS A 26 -9.83 -8.42 -29.36
C LYS A 26 -10.56 -8.74 -28.07
N LYS A 27 -9.79 -8.91 -27.00
CA LYS A 27 -10.32 -9.40 -25.73
CA LYS A 27 -10.33 -9.42 -25.73
C LYS A 27 -10.84 -8.28 -24.84
N TYR A 28 -10.24 -7.10 -24.97
CA TYR A 28 -10.56 -5.98 -24.10
C TYR A 28 -11.00 -4.74 -24.87
N HIS A 29 -11.95 -4.02 -24.30
CA HIS A 29 -12.34 -2.72 -24.79
C HIS A 29 -11.66 -1.67 -23.89
N LEU A 30 -10.72 -0.92 -24.45
CA LEU A 30 -9.95 0.04 -23.67
C LEU A 30 -10.72 1.34 -23.48
N LYS A 31 -10.73 1.82 -22.24
CA LYS A 31 -11.42 3.06 -21.92
C LYS A 31 -10.43 4.06 -21.32
N GLY A 32 -10.94 4.96 -20.48
CA GLY A 32 -10.16 6.09 -20.00
C GLY A 32 -9.06 5.80 -19.00
N ALA A 33 -8.07 6.70 -18.95
CA ALA A 33 -6.93 6.60 -18.01
C ALA A 33 -7.37 6.76 -16.55
N ILE A 34 -6.74 5.98 -15.67
CA ILE A 34 -6.95 6.11 -14.22
C ILE A 34 -5.64 6.46 -13.50
N GLY A 35 -4.55 6.46 -14.27
CA GLY A 35 -3.27 6.91 -13.75
C GLY A 35 -2.24 6.95 -14.84
N GLN A 36 -1.11 7.57 -14.53
CA GLN A 36 0.04 7.57 -15.42
C GLN A 36 1.29 7.21 -14.61
N GLY A 37 2.07 6.26 -15.12
CA GLY A 37 3.34 5.91 -14.52
C GLY A 37 4.48 6.49 -15.36
N SER A 38 5.70 6.08 -15.04
CA SER A 38 6.91 6.57 -15.71
C SER A 38 6.99 6.12 -17.17
N TYR A 39 6.33 4.99 -17.46
CA TYR A 39 6.50 4.32 -18.75
C TYR A 39 5.23 4.26 -19.59
N GLY A 40 4.14 4.80 -19.04
CA GLY A 40 2.88 4.81 -19.77
C GLY A 40 1.70 5.04 -18.87
N VAL A 41 0.50 4.99 -19.44
CA VAL A 41 -0.72 5.14 -18.66
C VAL A 41 -1.25 3.81 -18.16
N VAL A 42 -2.14 3.90 -17.16
CA VAL A 42 -2.97 2.79 -16.73
C VAL A 42 -4.40 3.13 -17.16
N ARG A 43 -5.03 2.24 -17.93
CA ARG A 43 -6.35 2.51 -18.48
C ARG A 43 -7.36 1.52 -17.94
N VAL A 44 -8.56 2.00 -17.70
CA VAL A 44 -9.69 1.11 -17.48
C VAL A 44 -9.94 0.31 -18.77
N ALA A 45 -10.30 -0.97 -18.61
CA ALA A 45 -10.61 -1.83 -19.74
C ALA A 45 -11.74 -2.77 -19.38
N ILE A 46 -12.60 -3.06 -20.35
CA ILE A 46 -13.69 -4.01 -20.17
C ILE A 46 -13.35 -5.31 -20.88
N GLU A 47 -13.34 -6.41 -20.15
CA GLU A 47 -13.19 -7.72 -20.78
C GLU A 47 -14.47 -8.02 -21.56
N ASN A 48 -14.32 -8.21 -22.87
CA ASN A 48 -15.49 -8.32 -23.75
C ASN A 48 -16.42 -9.47 -23.40
N GLN A 49 -15.84 -10.63 -23.09
CA GLN A 49 -16.62 -11.86 -22.88
C GLN A 49 -17.20 -12.02 -21.47
N THR A 50 -16.61 -11.33 -20.49
CA THR A 50 -17.03 -11.45 -19.11
C THR A 50 -17.68 -10.17 -18.57
N ARG A 51 -17.40 -9.05 -19.26
CA ARG A 51 -17.77 -7.70 -18.80
C ARG A 51 -17.01 -7.24 -17.52
N ALA A 52 -16.02 -8.01 -17.10
CA ALA A 52 -15.15 -7.61 -15.98
C ALA A 52 -14.42 -6.31 -16.30
N ILE A 53 -14.34 -5.42 -15.29
CA ILE A 53 -13.65 -4.15 -15.46
C ILE A 53 -12.24 -4.25 -14.85
N ARG A 54 -11.24 -4.02 -15.69
CA ARG A 54 -9.85 -4.21 -15.32
C ARG A 54 -9.07 -2.90 -15.42
N ALA A 55 -7.86 -2.91 -14.87
CA ALA A 55 -6.88 -1.87 -15.13
C ALA A 55 -5.81 -2.50 -16.00
N ILE A 56 -5.46 -1.83 -17.10
CA ILE A 56 -4.37 -2.30 -17.93
C ILE A 56 -3.25 -1.30 -17.87
N LYS A 57 -2.11 -1.75 -17.38
CA LYS A 57 -0.94 -0.90 -17.23
C LYS A 57 -0.11 -1.07 -18.47
N ILE A 58 0.08 0.03 -19.19
CA ILE A 58 0.85 -0.01 -20.42
C ILE A 58 2.21 0.58 -20.16
N MET A 59 3.26 -0.18 -20.47
CA MET A 59 4.63 0.28 -20.28
C MET A 59 5.42 0.19 -21.57
N ASN A 60 6.08 1.28 -21.92
CA ASN A 60 6.92 1.34 -23.11
C ASN A 60 8.30 0.77 -22.81
N LYS A 61 8.64 -0.32 -23.49
CA LYS A 61 9.91 -1.04 -23.26
C LYS A 61 11.14 -0.21 -23.61
N ASN A 62 11.01 0.65 -24.62
CA ASN A 62 12.13 1.50 -25.06
C ASN A 62 12.48 2.51 -23.98
N LYS A 63 11.46 3.10 -23.37
CA LYS A 63 11.65 4.07 -22.30
C LYS A 63 12.24 3.44 -21.05
N ILE A 64 11.84 2.19 -20.76
CA ILE A 64 12.39 1.41 -19.65
C ILE A 64 13.90 1.23 -19.81
N ARG A 65 14.32 0.67 -20.94
CA ARG A 65 15.72 0.41 -21.26
C ARG A 65 16.63 1.65 -21.23
N GLN A 66 16.06 2.81 -21.58
CA GLN A 66 16.82 4.07 -21.61
C GLN A 66 17.03 4.64 -20.22
N LYS A 70 17.90 -1.35 -15.68
CA LYS A 70 17.84 -0.97 -14.27
C LYS A 70 16.47 -1.33 -13.68
N ASP A 71 15.44 -0.63 -14.13
CA ASP A 71 14.07 -0.96 -13.77
C ASP A 71 13.61 -2.26 -14.43
N VAL A 72 14.44 -2.80 -15.34
CA VAL A 72 14.14 -4.04 -16.05
C VAL A 72 13.98 -5.22 -15.08
N GLU A 73 14.98 -5.42 -14.23
CA GLU A 73 14.96 -6.44 -13.20
C GLU A 73 13.79 -6.25 -12.23
N ARG A 74 13.58 -5.00 -11.79
CA ARG A 74 12.48 -4.66 -10.89
CA ARG A 74 12.48 -4.67 -10.89
C ARG A 74 11.12 -4.96 -11.50
N ILE A 75 10.96 -4.68 -12.80
CA ILE A 75 9.72 -4.93 -13.51
C ILE A 75 9.45 -6.43 -13.69
N LYS A 76 10.43 -7.18 -14.14
CA LYS A 76 10.29 -8.65 -14.24
C LYS A 76 9.91 -9.26 -12.89
N THR A 77 10.53 -8.76 -11.82
CA THR A 77 10.25 -9.22 -10.45
C THR A 77 8.83 -8.86 -10.01
N GLU A 78 8.45 -7.59 -10.21
CA GLU A 78 7.09 -7.14 -9.88
C GLU A 78 6.04 -7.99 -10.60
N VAL A 79 6.23 -8.19 -11.90
CA VAL A 79 5.26 -8.95 -12.71
C VAL A 79 5.19 -10.42 -12.25
N ARG A 80 6.36 -11.07 -12.16
CA ARG A 80 6.45 -12.46 -11.71
C ARG A 80 5.82 -12.66 -10.33
N LEU A 81 6.07 -11.73 -9.39
CA LEU A 81 5.44 -11.83 -8.06
C LEU A 81 3.93 -11.58 -8.06
N MET A 82 3.49 -10.46 -8.63
CA MET A 82 2.07 -10.12 -8.62
C MET A 82 1.22 -11.19 -9.30
N LYS A 83 1.80 -11.82 -10.32
CA LYS A 83 1.11 -12.89 -11.04
C LYS A 83 0.82 -14.09 -10.15
N LYS A 84 1.75 -14.40 -9.25
CA LYS A 84 1.63 -15.60 -8.41
C LYS A 84 0.92 -15.35 -7.08
N LEU A 85 0.76 -14.09 -6.70
CA LEU A 85 0.14 -13.77 -5.41
C LEU A 85 -1.39 -13.77 -5.47
N HIS A 86 -1.99 -14.32 -4.42
CA HIS A 86 -3.45 -14.42 -4.31
C HIS A 86 -3.89 -14.04 -2.92
N HIS A 87 -4.27 -12.78 -2.75
CA HIS A 87 -4.69 -12.28 -1.44
C HIS A 87 -5.65 -11.12 -1.66
N PRO A 88 -6.73 -11.04 -0.84
CA PRO A 88 -7.76 -10.02 -1.09
C PRO A 88 -7.29 -8.58 -0.88
N ASN A 89 -6.13 -8.42 -0.24
CA ASN A 89 -5.55 -7.09 -0.04
C ASN A 89 -4.32 -6.81 -0.90
N ILE A 90 -4.13 -7.63 -1.92
CA ILE A 90 -3.11 -7.42 -2.93
C ILE A 90 -3.78 -7.42 -4.31
N ALA A 91 -3.55 -6.39 -5.11
CA ALA A 91 -4.14 -6.33 -6.46
C ALA A 91 -3.63 -7.50 -7.31
N ARG A 92 -4.55 -8.23 -7.92
CA ARG A 92 -4.19 -9.37 -8.75
C ARG A 92 -3.65 -8.91 -10.10
N LEU A 93 -2.66 -9.64 -10.61
CA LEU A 93 -2.26 -9.49 -12.00
C LEU A 93 -2.71 -10.74 -12.73
N TYR A 94 -3.63 -10.56 -13.68
CA TYR A 94 -4.27 -11.72 -14.35
C TYR A 94 -3.52 -12.20 -15.58
N GLU A 95 -3.18 -11.26 -16.46
CA GLU A 95 -2.63 -11.59 -17.77
C GLU A 95 -1.58 -10.57 -18.19
N VAL A 96 -0.69 -11.01 -19.08
CA VAL A 96 0.34 -10.16 -19.63
C VAL A 96 0.31 -10.25 -21.14
N TYR A 97 0.38 -9.10 -21.80
CA TYR A 97 0.43 -9.04 -23.25
C TYR A 97 1.60 -8.17 -23.64
N GLU A 98 2.25 -8.48 -24.76
CA GLU A 98 3.40 -7.69 -25.15
C GLU A 98 3.73 -7.76 -26.64
N ASP A 99 4.43 -6.73 -27.10
CA ASP A 99 5.14 -6.78 -28.37
C ASP A 99 6.55 -6.23 -28.16
N GLU A 100 7.27 -5.97 -29.26
CA GLU A 100 8.63 -5.46 -29.15
C GLU A 100 8.73 -4.12 -28.43
N GLN A 101 7.64 -3.39 -28.38
CA GLN A 101 7.68 -2.05 -27.82
C GLN A 101 6.90 -1.86 -26.51
N TYR A 102 5.94 -2.74 -26.24
CA TYR A 102 5.08 -2.57 -25.08
C TYR A 102 4.90 -3.81 -24.21
N ILE A 103 4.80 -3.58 -22.90
CA ILE A 103 4.29 -4.58 -21.97
C ILE A 103 2.94 -4.09 -21.49
N CYS A 104 1.93 -4.96 -21.52
CA CYS A 104 0.60 -4.60 -21.04
C CYS A 104 0.17 -5.58 -19.95
N LEU A 105 -0.09 -5.05 -18.76
CA LEU A 105 -0.42 -5.85 -17.59
CA LEU A 105 -0.44 -5.89 -17.56
C LEU A 105 -1.89 -5.69 -17.26
N VAL A 106 -2.64 -6.79 -17.32
CA VAL A 106 -4.05 -6.75 -17.03
C VAL A 106 -4.20 -7.08 -15.56
N MET A 107 -4.64 -6.11 -14.78
CA MET A 107 -4.78 -6.29 -13.34
C MET A 107 -6.14 -5.92 -12.81
N GLU A 108 -6.33 -6.27 -11.54
CA GLU A 108 -7.49 -5.91 -10.76
C GLU A 108 -7.56 -4.39 -10.70
N LEU A 109 -8.73 -3.83 -10.98
CA LEU A 109 -8.90 -2.39 -10.97
C LEU A 109 -9.30 -1.90 -9.58
N CYS A 110 -8.63 -0.85 -9.13
CA CYS A 110 -9.01 -0.16 -7.91
C CYS A 110 -9.61 1.18 -8.30
N HIS A 111 -10.85 1.39 -7.88
CA HIS A 111 -11.62 2.57 -8.30
C HIS A 111 -11.47 3.73 -7.35
N GLY A 112 -10.97 3.47 -6.14
CA GLY A 112 -11.06 4.43 -5.03
C GLY A 112 -9.95 5.45 -4.86
N GLY A 113 -8.87 5.30 -5.60
CA GLY A 113 -7.73 6.22 -5.49
C GLY A 113 -6.80 5.78 -4.40
N HIS A 114 -5.71 6.52 -4.20
CA HIS A 114 -4.70 6.22 -3.18
CA HIS A 114 -4.77 6.08 -3.18
C HIS A 114 -5.24 6.41 -1.78
N LEU A 115 -4.58 5.80 -0.81
CA LEU A 115 -4.95 5.91 0.59
C LEU A 115 -5.21 7.36 1.01
N LEU A 116 -4.29 8.25 0.64
CA LEU A 116 -4.36 9.64 1.06
C LEU A 116 -5.17 10.53 0.09
N ASP A 117 -5.65 9.92 -0.99
CA ASP A 117 -6.66 10.55 -1.84
C ASP A 117 -7.99 10.54 -1.09
N LYS A 118 -8.33 9.39 -0.53
CA LYS A 118 -9.62 9.21 0.12
C LYS A 118 -9.58 9.68 1.58
N LEU A 119 -8.47 9.43 2.26
CA LEU A 119 -8.32 9.86 3.64
C LEU A 119 -7.55 11.17 3.71
N ASN A 120 -8.20 12.21 4.21
CA ASN A 120 -7.57 13.52 4.37
C ASN A 120 -7.12 13.69 5.81
N VAL A 121 -5.81 13.56 6.01
CA VAL A 121 -5.22 13.60 7.34
C VAL A 121 -4.47 14.91 7.53
N PHE A 122 -4.75 15.60 8.62
CA PHE A 122 -4.18 16.91 8.89
C PHE A 122 -4.27 17.24 10.37
N ILE A 123 -3.40 18.14 10.83
CA ILE A 123 -3.46 18.62 12.20
C ILE A 123 -4.40 19.82 12.30
N ASP A 124 -5.49 19.65 13.05
CA ASP A 124 -6.44 20.73 13.30
C ASP A 124 -5.79 21.79 14.20
N ASP A 125 -5.58 22.98 13.66
CA ASP A 125 -4.86 24.05 14.35
C ASP A 125 -5.48 24.45 15.69
N SER A 126 -6.81 24.41 15.79
CA SER A 126 -7.50 24.91 16.99
C SER A 126 -7.39 23.97 18.20
N THR A 127 -7.20 22.68 17.94
CA THR A 127 -7.09 21.70 19.02
C THR A 127 -5.69 21.09 19.15
N GLY A 128 -4.90 21.22 18.08
CA GLY A 128 -3.57 20.61 18.02
C GLY A 128 -3.60 19.11 17.76
N LYS A 129 -4.80 18.59 17.49
CA LYS A 129 -4.99 17.16 17.30
C LYS A 129 -5.08 16.82 15.82
N CYS A 130 -4.68 15.59 15.49
CA CYS A 130 -4.87 15.08 14.16
C CYS A 130 -6.36 14.96 13.87
N ALA A 131 -6.73 15.30 12.65
CA ALA A 131 -8.10 15.18 12.18
C ALA A 131 -8.08 14.34 10.92
N MET A 132 -9.21 13.71 10.63
CA MET A 132 -9.37 12.94 9.41
C MET A 132 -10.74 13.19 8.77
N ASP A 133 -10.70 13.49 7.47
CA ASP A 133 -11.88 13.51 6.62
C ASP A 133 -11.78 12.37 5.61
N VAL A 134 -12.92 11.76 5.34
CA VAL A 134 -13.05 10.78 4.27
C VAL A 134 -13.59 11.55 3.06
N VAL A 135 -12.89 11.43 1.94
CA VAL A 135 -13.25 12.12 0.70
C VAL A 135 -13.85 11.11 -0.29
N LYS A 136 -14.96 11.48 -0.93
CA LYS A 136 -15.44 10.68 -2.05
C LYS A 136 -14.60 11.13 -3.25
N THR A 137 -13.82 10.20 -3.82
CA THR A 137 -12.88 10.56 -4.88
C THR A 137 -13.55 10.52 -6.27
N GLN A 138 -12.98 11.28 -7.21
CA GLN A 138 -13.50 11.37 -8.58
C GLN A 138 -12.33 11.13 -9.52
N ILE A 139 -11.88 9.89 -9.52
CA ILE A 139 -10.66 9.50 -10.20
C ILE A 139 -10.97 8.50 -11.32
N CYS A 140 -11.95 7.62 -11.10
CA CYS A 140 -12.20 6.52 -12.02
C CYS A 140 -13.25 6.86 -13.08
N PRO A 141 -12.92 6.64 -14.37
CA PRO A 141 -13.87 6.92 -15.46
C PRO A 141 -14.62 5.67 -15.92
N CYS A 142 -14.59 4.59 -15.12
CA CYS A 142 -15.17 3.33 -15.59
C CYS A 142 -16.71 3.44 -15.61
N PRO A 143 -17.39 2.53 -16.33
CA PRO A 143 -18.86 2.59 -16.48
C PRO A 143 -19.60 2.51 -15.15
N GLU A 144 -19.08 1.74 -14.20
CA GLU A 144 -19.69 1.59 -12.89
C GLU A 144 -19.66 2.89 -12.10
N CYS A 145 -18.47 3.50 -12.04
CA CYS A 145 -18.30 4.81 -11.41
C CYS A 145 -19.12 5.92 -12.09
N ASN A 146 -19.16 5.90 -13.42
CA ASN A 146 -19.98 6.83 -14.20
C ASN A 146 -21.45 6.73 -13.81
N GLU A 147 -21.95 5.49 -13.75
CA GLU A 147 -23.35 5.22 -13.46
C GLU A 147 -23.74 5.72 -12.07
N GLU A 148 -22.89 5.44 -11.09
CA GLU A 148 -23.13 5.84 -9.72
C GLU A 148 -23.11 7.36 -9.56
N ALA A 149 -22.20 8.01 -10.26
CA ALA A 149 -22.07 9.47 -10.21
C ALA A 149 -23.28 10.22 -10.76
N ILE A 150 -23.77 9.82 -11.93
CA ILE A 150 -24.87 10.52 -12.60
C ILE A 150 -26.24 10.27 -11.96
N ASN A 151 -26.38 9.16 -11.24
CA ASN A 151 -27.64 8.82 -10.59
C ASN A 151 -27.70 9.25 -9.13
N GLY A 152 -26.54 9.55 -8.57
CA GLY A 152 -26.39 9.73 -7.14
C GLY A 152 -26.16 11.17 -6.75
N SER A 153 -25.77 11.36 -5.49
CA SER A 153 -25.58 12.69 -4.93
C SER A 153 -24.42 12.69 -3.96
N ILE A 154 -23.67 13.79 -3.98
CA ILE A 154 -22.47 13.95 -3.18
C ILE A 154 -22.67 15.07 -2.15
N PHE A 157 -18.40 13.90 -0.97
CA PHE A 157 -18.14 15.08 -0.14
C PHE A 157 -16.94 14.82 0.79
N ARG A 158 -16.86 15.59 1.88
CA ARG A 158 -15.87 15.37 2.94
C ARG A 158 -16.59 15.05 4.25
N GLU A 159 -16.42 13.82 4.76
CA GLU A 159 -17.04 13.44 6.02
C GLU A 159 -16.02 13.46 7.15
N SER A 160 -16.26 14.27 8.17
CA SER A 160 -15.36 14.39 9.33
C SER A 160 -15.55 13.25 10.32
N LEU A 161 -14.43 12.70 10.80
CA LEU A 161 -14.46 11.57 11.74
C LEU A 161 -14.05 11.96 13.16
N ASP A 162 -14.84 11.52 14.14
CA ASP A 162 -14.51 11.70 15.56
C ASP A 162 -13.39 10.73 16.00
N PHE A 163 -12.96 10.84 17.26
CA PHE A 163 -11.87 10.01 17.80
C PHE A 163 -12.13 8.52 17.61
N VAL A 164 -13.35 8.09 17.94
CA VAL A 164 -13.74 6.67 17.85
C VAL A 164 -13.73 6.18 16.41
N GLN A 165 -14.35 6.97 15.53
CA GLN A 165 -14.43 6.65 14.10
C GLN A 165 -13.04 6.55 13.47
N ARG A 166 -12.15 7.48 13.82
CA ARG A 166 -10.78 7.48 13.30
CA ARG A 166 -10.77 7.48 13.31
C ARG A 166 -10.05 6.21 13.69
N GLU A 167 -10.05 5.89 14.99
CA GLU A 167 -9.30 4.71 15.43
C GLU A 167 -9.88 3.44 14.84
N LYS A 168 -11.20 3.37 14.74
CA LYS A 168 -11.85 2.19 14.18
C LYS A 168 -11.46 2.01 12.71
N LEU A 169 -11.52 3.11 11.96
CA LEU A 169 -11.19 3.07 10.55
C LEU A 169 -9.71 2.74 10.35
N ILE A 170 -8.84 3.43 11.07
CA ILE A 170 -7.40 3.22 10.94
C ILE A 170 -7.04 1.78 11.31
N SER A 171 -7.61 1.27 12.40
CA SER A 171 -7.37 -0.12 12.80
CA SER A 171 -7.35 -0.11 12.79
C SER A 171 -7.77 -1.07 11.67
N ASN A 172 -8.91 -0.78 11.03
CA ASN A 172 -9.37 -1.63 9.93
C ASN A 172 -8.39 -1.61 8.74
N ILE A 173 -7.90 -0.43 8.42
CA ILE A 173 -6.87 -0.25 7.40
C ILE A 173 -5.62 -1.06 7.77
N MET A 174 -5.18 -0.95 9.02
CA MET A 174 -3.97 -1.65 9.45
C MET A 174 -4.15 -3.17 9.45
N ARG A 175 -5.35 -3.63 9.77
CA ARG A 175 -5.64 -5.06 9.72
C ARG A 175 -5.39 -5.60 8.32
N GLN A 176 -5.84 -4.86 7.31
CA GLN A 176 -5.64 -5.26 5.92
C GLN A 176 -4.18 -5.20 5.51
N ILE A 177 -3.47 -4.15 5.93
CA ILE A 177 -2.05 -4.05 5.61
C ILE A 177 -1.25 -5.22 6.22
N PHE A 178 -1.50 -5.51 7.50
CA PHE A 178 -0.83 -6.64 8.15
C PHE A 178 -1.23 -8.01 7.63
N SER A 179 -2.49 -8.15 7.20
CA SER A 179 -2.96 -9.37 6.55
CA SER A 179 -2.93 -9.39 6.57
C SER A 179 -2.13 -9.62 5.29
N ALA A 180 -2.00 -8.57 4.46
CA ALA A 180 -1.21 -8.65 3.24
C ALA A 180 0.25 -8.99 3.54
N LEU A 181 0.84 -8.30 4.51
CA LEU A 181 2.24 -8.51 4.89
C LEU A 181 2.50 -9.91 5.44
N HIS A 182 1.61 -10.38 6.31
CA HIS A 182 1.74 -11.73 6.86
C HIS A 182 1.80 -12.76 5.74
N TYR A 183 0.90 -12.59 4.77
CA TYR A 183 0.81 -13.46 3.61
C TYR A 183 2.12 -13.37 2.82
N LEU A 184 2.54 -12.15 2.50
CA LEU A 184 3.78 -11.92 1.72
CA LEU A 184 3.77 -11.91 1.74
C LEU A 184 5.00 -12.54 2.40
N HIS A 185 5.15 -12.27 3.70
CA HIS A 185 6.29 -12.76 4.46
C HIS A 185 6.31 -14.28 4.54
N ASN A 186 5.14 -14.88 4.68
CA ASN A 186 4.99 -16.33 4.67
C ASN A 186 5.23 -16.95 3.30
N GLN A 187 5.04 -16.15 2.24
CA GLN A 187 5.45 -16.55 0.88
C GLN A 187 6.94 -16.27 0.65
N GLY A 188 7.62 -15.75 1.67
CA GLY A 188 9.05 -15.51 1.61
C GLY A 188 9.43 -14.29 0.79
N ILE A 189 8.58 -13.27 0.81
CA ILE A 189 8.83 -12.03 0.06
C ILE A 189 8.93 -10.85 1.03
N CYS A 190 9.97 -10.03 0.86
CA CYS A 190 10.14 -8.76 1.59
C CYS A 190 9.63 -7.65 0.66
N HIS A 191 8.68 -6.82 1.12
CA HIS A 191 8.11 -5.81 0.22
C HIS A 191 9.04 -4.61 -0.04
N ARG A 192 9.53 -4.04 1.05
CA ARG A 192 10.53 -2.95 1.03
C ARG A 192 10.04 -1.58 0.59
N ASP A 193 8.76 -1.44 0.27
CA ASP A 193 8.24 -0.12 -0.09
C ASP A 193 6.80 0.07 0.39
N ILE A 194 6.58 -0.22 1.68
CA ILE A 194 5.28 -0.02 2.29
C ILE A 194 5.14 1.49 2.59
N LYS A 195 4.20 2.12 1.91
CA LYS A 195 3.94 3.55 2.05
C LYS A 195 2.54 3.83 1.50
N PRO A 196 1.90 4.96 1.90
CA PRO A 196 0.47 5.15 1.57
C PRO A 196 0.17 5.11 0.08
N GLU A 197 1.11 5.60 -0.74
CA GLU A 197 0.95 5.69 -2.20
C GLU A 197 0.77 4.33 -2.85
N ASN A 198 1.31 3.29 -2.21
CA ASN A 198 1.23 1.93 -2.76
C ASN A 198 -0.02 1.14 -2.39
N PHE A 199 -0.92 1.76 -1.63
CA PHE A 199 -2.22 1.17 -1.34
C PHE A 199 -3.34 1.98 -1.98
N LEU A 200 -4.24 1.27 -2.65
CA LEU A 200 -5.39 1.91 -3.30
C LEU A 200 -6.67 1.35 -2.72
N PHE A 201 -7.68 2.20 -2.62
CA PHE A 201 -9.00 1.71 -2.23
C PHE A 201 -9.67 1.03 -3.40
N SER A 202 -10.19 -0.17 -3.15
CA SER A 202 -10.91 -0.94 -4.16
CA SER A 202 -10.92 -0.92 -4.16
C SER A 202 -12.07 -0.11 -4.77
N THR A 203 -12.83 0.59 -3.91
CA THR A 203 -13.99 1.41 -4.36
C THR A 203 -14.19 2.67 -3.53
N ASN A 204 -15.22 3.46 -3.88
CA ASN A 204 -15.72 4.52 -2.99
C ASN A 204 -16.79 4.00 -2.04
N LYS A 205 -17.12 2.73 -2.18
CA LYS A 205 -18.24 2.17 -1.44
C LYS A 205 -17.81 1.44 -0.17
N SER A 206 -16.51 1.33 0.05
CA SER A 206 -16.00 0.58 1.21
C SER A 206 -14.57 1.00 1.51
N PHE A 207 -14.03 0.48 2.61
CA PHE A 207 -12.66 0.80 2.98
C PHE A 207 -11.67 -0.32 2.68
N GLU A 208 -12.09 -1.25 1.83
CA GLU A 208 -11.20 -2.30 1.37
C GLU A 208 -10.02 -1.70 0.61
N ILE A 209 -8.80 -2.11 0.99
CA ILE A 209 -7.59 -1.65 0.30
C ILE A 209 -6.83 -2.77 -0.39
N LYS A 210 -6.03 -2.40 -1.39
CA LYS A 210 -5.19 -3.33 -2.09
C LYS A 210 -3.79 -2.75 -2.28
N LEU A 211 -2.79 -3.59 -2.00
CA LEU A 211 -1.39 -3.27 -2.27
C LEU A 211 -1.15 -3.48 -3.77
N VAL A 212 -0.64 -2.44 -4.45
CA VAL A 212 -0.62 -2.45 -5.92
C VAL A 212 0.74 -2.34 -6.57
N ASP A 213 1.79 -2.30 -5.75
CA ASP A 213 3.13 -2.04 -6.25
C ASP A 213 4.13 -3.01 -5.61
N PHE A 214 4.92 -3.69 -6.44
CA PHE A 214 5.94 -4.64 -5.95
C PHE A 214 7.31 -4.40 -6.56
N GLY A 215 7.52 -3.16 -7.00
CA GLY A 215 8.73 -2.78 -7.73
C GLY A 215 10.03 -2.94 -6.96
N LEU A 216 9.96 -2.85 -5.64
CA LEU A 216 11.16 -3.00 -4.83
C LEU A 216 11.22 -4.33 -4.07
N SER A 217 10.21 -5.18 -4.30
CA SER A 217 10.11 -6.41 -3.55
C SER A 217 11.23 -7.39 -3.87
N LYS A 218 11.57 -8.23 -2.91
CA LYS A 218 12.59 -9.25 -3.13
C LYS A 218 12.30 -10.49 -2.29
N GLU A 219 12.51 -11.66 -2.88
CA GLU A 219 12.36 -12.91 -2.15
C GLU A 219 13.50 -13.03 -1.13
N PHE A 220 13.21 -13.50 0.09
CA PHE A 220 14.24 -13.62 1.13
C PHE A 220 15.46 -14.37 0.62
N TYR A 221 15.21 -15.45 -0.14
CA TYR A 221 16.28 -16.34 -0.56
C TYR A 221 17.24 -15.70 -1.56
N LYS A 222 16.86 -14.52 -2.06
CA LYS A 222 17.69 -13.75 -2.98
C LYS A 222 18.38 -12.55 -2.34
N LEU A 223 17.98 -12.18 -1.12
CA LEU A 223 18.66 -11.08 -0.42
C LEU A 223 20.15 -11.42 -0.27
N ASN A 224 21.01 -10.44 -0.54
CA ASN A 224 22.47 -10.61 -0.51
C ASN A 224 23.04 -11.42 -1.68
N ASN A 225 22.23 -11.61 -2.73
CA ASN A 225 22.65 -12.31 -3.94
C ASN A 225 23.50 -11.48 -4.91
N GLY A 226 23.74 -10.21 -4.57
CA GLY A 226 24.59 -9.34 -5.40
C GLY A 226 23.80 -8.36 -6.26
N ALA A 235 16.10 -0.31 -0.87
CA ALA A 235 15.96 0.94 -0.14
C ALA A 235 14.48 1.21 0.16
N GLY A 236 13.86 2.14 -0.58
CA GLY A 236 12.49 2.59 -0.33
C GLY A 236 12.42 4.11 -0.21
N THR A 237 11.22 4.65 0.03
CA THR A 237 11.03 6.09 0.28
C THR A 237 11.51 6.43 1.70
N PRO A 238 12.44 7.40 1.84
CA PRO A 238 13.12 7.63 3.12
C PRO A 238 12.22 7.77 4.35
N TYR A 239 11.07 8.43 4.25
CA TYR A 239 10.20 8.57 5.43
C TYR A 239 9.85 7.23 6.09
N PHE A 240 9.72 6.19 5.28
CA PHE A 240 9.15 4.90 5.70
C PHE A 240 10.19 3.79 5.87
N VAL A 241 11.43 4.06 5.48
CA VAL A 241 12.49 3.03 5.52
CA VAL A 241 12.47 3.03 5.52
C VAL A 241 12.99 2.77 6.95
N ALA A 242 13.16 1.48 7.29
CA ALA A 242 13.60 1.10 8.64
C ALA A 242 15.08 1.46 8.88
N PRO A 243 15.44 1.80 10.12
CA PRO A 243 16.85 2.16 10.39
C PRO A 243 17.84 1.05 10.06
N GLU A 244 17.49 -0.22 10.29
CA GLU A 244 18.41 -1.31 9.97
C GLU A 244 18.68 -1.42 8.45
N VAL A 245 17.72 -1.01 7.61
CA VAL A 245 17.93 -0.95 6.17
C VAL A 245 18.92 0.16 5.83
N LEU A 246 18.69 1.34 6.38
CA LEU A 246 19.58 2.48 6.20
C LEU A 246 20.99 2.24 6.75
N ASN A 247 21.09 1.41 7.80
CA ASN A 247 22.37 1.19 8.47
C ASN A 247 23.13 -0.05 8.00
N THR A 248 22.67 -0.65 6.89
CA THR A 248 23.30 -1.86 6.38
CA THR A 248 23.26 -1.88 6.36
C THR A 248 23.92 -1.63 4.99
N THR A 249 25.16 -2.09 4.84
CA THR A 249 25.89 -1.94 3.57
C THR A 249 25.20 -2.68 2.42
N ASN A 250 24.66 -3.86 2.71
CA ASN A 250 24.06 -4.73 1.70
C ASN A 250 22.58 -5.01 1.99
N GLU A 251 22.17 -6.27 1.89
CA GLU A 251 20.78 -6.64 2.16
C GLU A 251 20.63 -7.54 3.38
N SER A 252 21.54 -7.37 4.35
CA SER A 252 21.48 -8.13 5.60
C SER A 252 20.47 -7.50 6.55
N TYR A 253 19.19 -7.69 6.24
CA TYR A 253 18.09 -7.29 7.10
C TYR A 253 16.88 -8.16 6.78
N GLY A 254 15.90 -8.20 7.67
CA GLY A 254 14.72 -9.05 7.50
C GLY A 254 13.43 -8.31 7.22
N PRO A 255 12.32 -9.05 7.06
CA PRO A 255 10.99 -8.53 6.78
C PRO A 255 10.39 -7.65 7.89
N LYS A 256 11.00 -7.63 9.08
CA LYS A 256 10.53 -6.67 10.10
C LYS A 256 10.72 -5.23 9.64
N CYS A 257 11.51 -5.04 8.57
CA CYS A 257 11.62 -3.72 7.94
C CYS A 257 10.23 -3.26 7.44
N ASP A 258 9.42 -4.21 6.97
CA ASP A 258 8.07 -3.89 6.49
C ASP A 258 7.13 -3.53 7.64
N ALA A 259 7.30 -4.20 8.78
CA ALA A 259 6.53 -3.88 9.97
C ALA A 259 6.83 -2.46 10.46
N TRP A 260 8.10 -2.09 10.42
CA TRP A 260 8.49 -0.71 10.74
C TRP A 260 7.79 0.30 9.80
N SER A 261 7.86 0.04 8.50
CA SER A 261 7.25 0.91 7.48
C SER A 261 5.74 1.06 7.73
N ALA A 262 5.09 -0.04 8.11
CA ALA A 262 3.68 -0.01 8.45
C ALA A 262 3.43 0.82 9.71
N GLY A 263 4.36 0.77 10.66
CA GLY A 263 4.30 1.64 11.84
C GLY A 263 4.41 3.12 11.49
N VAL A 264 5.27 3.43 10.53
CA VAL A 264 5.39 4.82 10.07
C VAL A 264 4.09 5.31 9.42
N LEU A 265 3.50 4.45 8.60
CA LEU A 265 2.20 4.71 7.99
C LEU A 265 1.14 4.90 9.07
N LEU A 266 1.14 4.03 10.08
CA LEU A 266 0.18 4.15 11.19
C LEU A 266 0.33 5.48 11.94
N HIS A 267 1.58 5.87 12.23
CA HIS A 267 1.87 7.12 12.92
C HIS A 267 1.30 8.31 12.12
N LEU A 268 1.51 8.31 10.81
CA LEU A 268 0.98 9.35 9.94
C LEU A 268 -0.55 9.42 10.02
N LEU A 269 -1.21 8.26 9.90
CA LEU A 269 -2.67 8.22 9.99
C LEU A 269 -3.19 8.67 11.36
N LEU A 270 -2.53 8.27 12.44
CA LEU A 270 -2.97 8.64 13.78
C LEU A 270 -2.62 10.05 14.23
N MET A 271 -1.43 10.51 13.86
CA MET A 271 -0.88 11.78 14.38
C MET A 271 -0.93 12.92 13.38
N GLY A 272 -1.15 12.59 12.11
CA GLY A 272 -1.18 13.61 11.07
C GLY A 272 0.17 13.98 10.50
N ALA A 273 1.23 13.30 10.94
CA ALA A 273 2.57 13.56 10.41
C ALA A 273 3.45 12.34 10.59
N VAL A 274 4.44 12.19 9.72
CA VAL A 274 5.41 11.11 9.87
C VAL A 274 6.31 11.37 11.08
N PRO A 275 6.88 10.31 11.67
CA PRO A 275 7.72 10.46 12.87
C PRO A 275 9.10 11.07 12.56
N PHE A 276 9.51 11.01 11.30
CA PHE A 276 10.82 11.50 10.87
C PHE A 276 10.65 12.46 9.69
N PRO A 277 10.13 13.68 9.97
CA PRO A 277 9.75 14.55 8.88
C PRO A 277 10.91 15.45 8.46
N GLY A 278 11.88 14.87 7.76
CA GLY A 278 13.04 15.63 7.28
C GLY A 278 12.69 16.66 6.22
N VAL A 279 13.49 17.73 6.17
CA VAL A 279 13.33 18.80 5.17
C VAL A 279 13.77 18.29 3.79
N ASN A 280 14.63 17.29 3.79
CA ASN A 280 15.05 16.59 2.57
C ASN A 280 15.45 15.16 2.93
N ASP A 281 15.80 14.36 1.93
CA ASP A 281 16.11 12.95 2.16
C ASP A 281 17.24 12.75 3.17
N ALA A 282 18.28 13.57 3.07
CA ALA A 282 19.43 13.51 3.97
C ALA A 282 19.01 13.75 5.42
N ASP A 283 18.16 14.75 5.63
CA ASP A 283 17.63 15.08 6.95
C ASP A 283 16.77 13.93 7.45
N THR A 284 15.89 13.42 6.59
CA THR A 284 15.02 12.30 6.94
C THR A 284 15.82 11.05 7.36
N ILE A 285 16.81 10.68 6.56
CA ILE A 285 17.65 9.51 6.84
C ILE A 285 18.34 9.67 8.20
N SER A 286 18.85 10.86 8.49
CA SER A 286 19.47 11.11 9.79
CA SER A 286 19.47 11.11 9.79
C SER A 286 18.48 10.95 10.94
N GLN A 287 17.26 11.47 10.77
CA GLN A 287 16.27 11.33 11.84
C GLN A 287 15.87 9.87 12.07
N VAL A 288 15.68 9.12 10.99
CA VAL A 288 15.34 7.69 11.10
C VAL A 288 16.44 6.97 11.88
N LEU A 289 17.69 7.25 11.54
CA LEU A 289 18.87 6.63 12.17
C LEU A 289 19.11 7.07 13.61
N ASN A 290 18.88 8.35 13.90
CA ASN A 290 19.25 8.94 15.20
C ASN A 290 18.14 9.05 16.23
N LYS A 291 16.90 9.20 15.77
CA LYS A 291 15.78 9.50 16.66
C LYS A 291 15.28 8.26 17.40
N LYS A 292 15.42 8.27 18.72
CA LYS A 292 14.80 7.27 19.55
C LYS A 292 13.41 7.79 19.91
N LEU A 293 12.39 7.12 19.38
CA LEU A 293 11.01 7.52 19.64
C LEU A 293 10.64 7.20 21.07
N CYS A 294 10.08 8.20 21.74
CA CYS A 294 9.66 8.05 23.11
C CYS A 294 8.18 8.27 23.15
N PHE A 295 7.42 7.18 23.18
CA PHE A 295 5.97 7.28 23.22
C PHE A 295 5.47 7.65 24.61
N GLU A 296 6.39 8.17 25.43
CA GLU A 296 6.05 8.76 26.72
C GLU A 296 6.16 10.28 26.64
N ASN A 297 6.49 10.80 25.46
CA ASN A 297 6.26 12.21 25.15
C ASN A 297 4.76 12.46 25.33
N PRO A 298 4.40 13.59 25.97
CA PRO A 298 2.99 13.79 26.38
C PRO A 298 2.03 13.96 25.19
N ASN A 299 2.58 14.23 24.01
CA ASN A 299 1.81 14.38 22.78
C ASN A 299 0.98 13.14 22.42
N TYR A 300 1.49 11.96 22.79
CA TYR A 300 0.82 10.70 22.45
C TYR A 300 -0.37 10.38 23.37
N ASN A 301 -0.59 11.22 24.38
CA ASN A 301 -1.80 11.14 25.20
C ASN A 301 -3.08 11.14 24.38
N VAL A 302 -3.01 11.70 23.18
CA VAL A 302 -4.13 11.74 22.24
C VAL A 302 -4.54 10.34 21.70
N LEU A 303 -3.65 9.36 21.80
CA LEU A 303 -3.95 8.01 21.32
C LEU A 303 -4.51 7.13 22.43
N SER A 304 -5.35 6.17 22.05
CA SER A 304 -5.78 5.13 23.00
C SER A 304 -4.53 4.39 23.49
N PRO A 305 -4.58 3.82 24.71
CA PRO A 305 -3.45 3.02 25.17
C PRO A 305 -3.04 1.90 24.19
N LEU A 306 -4.01 1.24 23.57
CA LEU A 306 -3.71 0.17 22.61
C LEU A 306 -2.97 0.66 21.36
N ALA A 307 -3.44 1.78 20.80
CA ALA A 307 -2.82 2.37 19.61
C ALA A 307 -1.39 2.76 19.95
N ARG A 308 -1.23 3.43 21.08
CA ARG A 308 0.08 3.82 21.60
CA ARG A 308 0.08 3.83 21.58
C ARG A 308 0.99 2.61 21.69
N ASP A 309 0.47 1.51 22.23
CA ASP A 309 1.25 0.29 22.41
C ASP A 309 1.60 -0.39 21.09
N LEU A 310 0.65 -0.40 20.14
CA LEU A 310 0.94 -1.00 18.85
C LEU A 310 2.04 -0.18 18.16
N LEU A 311 1.89 1.14 18.16
CA LEU A 311 2.91 2.02 17.58
C LEU A 311 4.30 1.74 18.15
N SER A 312 4.40 1.65 19.47
CA SER A 312 5.69 1.42 20.12
C SER A 312 6.31 0.08 19.76
N ASN A 313 5.47 -0.92 19.50
CA ASN A 313 5.96 -2.21 19.12
C ASN A 313 6.31 -2.38 17.64
N LEU A 314 5.81 -1.48 16.80
CA LEU A 314 6.19 -1.48 15.39
C LEU A 314 7.40 -0.60 15.16
N LEU A 315 7.46 0.52 15.88
CA LEU A 315 8.56 1.46 15.73
C LEU A 315 9.62 1.24 16.81
N ASN A 316 9.90 -0.02 17.04
CA ASN A 316 10.94 -0.45 17.96
C ASN A 316 12.24 -0.62 17.17
N ARG A 317 13.26 0.17 17.52
CA ARG A 317 14.56 0.08 16.85
C ARG A 317 15.25 -1.27 17.05
N ASN A 318 14.90 -1.97 18.13
CA ASN A 318 15.40 -3.31 18.39
C ASN A 318 14.64 -4.31 17.55
N VAL A 319 15.31 -4.87 16.53
CA VAL A 319 14.64 -5.69 15.54
C VAL A 319 14.11 -6.97 16.16
N ASP A 320 14.90 -7.56 17.07
CA ASP A 320 14.47 -8.79 17.74
C ASP A 320 13.15 -8.63 18.47
N GLU A 321 12.95 -7.46 19.08
CA GLU A 321 11.75 -7.16 19.87
C GLU A 321 10.57 -6.61 19.06
N ARG A 322 10.86 -5.95 17.94
CA ARG A 322 9.80 -5.40 17.08
C ARG A 322 8.82 -6.49 16.64
N PHE A 323 7.54 -6.12 16.58
CA PHE A 323 6.50 -7.01 16.04
C PHE A 323 6.77 -7.41 14.59
N ASP A 324 6.41 -8.65 14.24
CA ASP A 324 6.23 -8.99 12.85
C ASP A 324 4.73 -8.84 12.56
N ALA A 325 4.33 -9.10 11.32
CA ALA A 325 2.93 -8.93 10.93
C ALA A 325 1.98 -9.79 11.77
N MET A 326 2.38 -11.01 12.10
CA MET A 326 1.55 -11.91 12.91
CA MET A 326 1.50 -11.89 12.89
C MET A 326 1.23 -11.29 14.27
N ARG A 327 2.26 -10.79 14.95
CA ARG A 327 2.05 -10.21 16.28
C ARG A 327 1.21 -8.97 16.20
N ALA A 328 1.37 -8.19 15.14
CA ALA A 328 0.51 -7.03 14.92
C ALA A 328 -0.95 -7.45 14.75
N LEU A 329 -1.17 -8.56 14.04
CA LEU A 329 -2.53 -9.04 13.78
C LEU A 329 -3.23 -9.56 15.05
N GLN A 330 -2.44 -10.13 15.95
CA GLN A 330 -2.91 -10.68 17.23
C GLN A 330 -3.12 -9.59 18.28
N HIS A 331 -2.47 -8.45 18.11
CA HIS A 331 -2.57 -7.34 19.07
C HIS A 331 -4.01 -6.84 19.20
N PRO A 332 -4.48 -6.61 20.44
CA PRO A 332 -5.88 -6.20 20.62
C PRO A 332 -6.36 -4.95 19.88
N TRP A 333 -5.46 -4.01 19.55
CA TRP A 333 -5.92 -2.86 18.77
C TRP A 333 -6.50 -3.31 17.42
N ILE A 334 -5.92 -4.38 16.88
CA ILE A 334 -6.41 -5.03 15.67
C ILE A 334 -7.46 -6.13 15.95
N SER A 335 -7.22 -6.96 16.95
CA SER A 335 -8.03 -8.19 17.13
C SER A 335 -9.24 -8.10 18.06
N GLN A 336 -9.42 -6.99 18.78
CA GLN A 336 -10.35 -6.97 19.94
C GLN A 336 -11.82 -7.26 19.66
N PHE A 337 -12.25 -7.08 18.42
CA PHE A 337 -13.63 -7.40 18.07
C PHE A 337 -13.78 -8.77 17.40
N SER A 338 -12.70 -9.54 17.42
CA SER A 338 -12.70 -10.88 16.86
C SER A 338 -12.66 -11.92 17.98
N ASP A 339 -12.79 -13.20 17.62
CA ASP A 339 -12.68 -14.32 18.56
C ASP A 339 -13.76 -14.31 19.65
N LYS A 340 -14.97 -13.92 19.28
CA LYS A 340 -16.10 -13.86 20.23
C LYS A 340 -16.90 -15.17 20.27
N ILE A 341 -17.59 -15.37 21.38
CA ILE A 341 -18.34 -16.61 21.60
C ILE A 341 -19.83 -16.43 21.27
N TYR A 342 -20.53 -15.65 22.11
CA TYR A 342 -21.95 -15.38 21.91
C TYR A 342 -22.15 -14.23 20.94
N LYS A 343 -23.18 -14.33 20.12
CA LYS A 343 -23.50 -13.26 19.15
C LYS A 343 -24.17 -12.10 19.88
N MET A 344 -23.44 -11.02 20.07
CA MET A 344 -23.95 -9.87 20.81
C MET A 344 -24.32 -8.70 19.89
N SER A 345 -24.95 -9.03 18.77
CA SER A 345 -25.43 -8.09 17.78
C SER A 345 -26.79 -8.55 17.21
C1 GOL B . -9.90 9.80 -23.70
O1 GOL B . -11.26 9.62 -23.98
C2 GOL B . -9.43 8.71 -22.73
O2 GOL B . -9.05 7.55 -23.45
C3 GOL B . -8.23 9.27 -21.97
O3 GOL B . -7.60 8.25 -21.26
ZN ZN C . -14.58 2.78 -11.53
PG ANP D . 5.63 5.69 -9.40
PG ANP D . 6.53 4.24 -8.93
O1G ANP D . 5.01 7.00 -8.94
O1G ANP D . 7.96 4.30 -9.43
O2G ANP D . 5.20 4.50 -8.58
O2G ANP D . 6.17 5.35 -7.97
O3G ANP D . 7.13 5.78 -9.62
O3G ANP D . 6.07 2.88 -8.49
PB ANP D . 5.11 3.86 -11.79
PB ANP D . 3.81 4.45 -10.01
O1B ANP D . 5.79 4.04 -13.13
O1B ANP D . 3.62 3.27 -9.06
O2B ANP D . 5.73 2.89 -10.82
O2B ANP D . 3.29 5.79 -9.56
N3B ANP D . 4.98 5.42 -11.00
N3B ANP D . 5.53 4.58 -10.32
PA ANP D . 2.66 3.15 -10.82
PA ANP D . 1.88 2.96 -11.20
O1A ANP D . 2.74 1.70 -10.40
O1A ANP D . 2.39 1.66 -11.77
O2A ANP D . 2.98 4.27 -9.85
O2A ANP D . 1.43 3.04 -9.76
O3A ANP D . 3.62 3.34 -12.08
O3A ANP D . 3.07 4.03 -11.37
O5' ANP D . 1.18 3.45 -11.39
O5' ANP D . 0.68 3.54 -12.09
C5' ANP D . 0.85 4.78 -11.77
C5' ANP D . 0.50 4.94 -12.18
C4' ANP D . -0.55 5.09 -11.27
C4' ANP D . -0.83 5.31 -11.56
O4' ANP D . -1.47 4.15 -11.83
O4' ANP D . -1.78 4.27 -11.82
C3' ANP D . -0.67 4.92 -9.76
C3' ANP D . -0.71 5.45 -10.06
O3' ANP D . -0.51 6.17 -9.09
O3' ANP D . -1.48 6.58 -9.62
C2' ANP D . -2.08 4.42 -9.57
C2' ANP D . -1.34 4.18 -9.52
O2' ANP D . -2.90 5.52 -9.14
O2' ANP D . -1.99 4.41 -8.27
C1' ANP D . -2.53 3.90 -10.92
C1' ANP D . -2.35 3.82 -10.60
N9 ANP D . -2.72 2.44 -10.79
N9 ANP D . -2.58 2.36 -10.60
C8 ANP D . -1.76 1.52 -10.82
C8 ANP D . -1.64 1.40 -10.64
N7 ANP D . -2.28 0.27 -10.67
N7 ANP D . -2.23 0.17 -10.62
C5 ANP D . -3.61 0.41 -10.52
C5 ANP D . -3.56 0.36 -10.54
C6 ANP D . -4.76 -0.49 -10.32
C6 ANP D . -4.76 -0.50 -10.47
N6 ANP D . -4.58 -1.84 -10.23
N6 ANP D . -4.64 -1.85 -10.48
N1 ANP D . -5.99 0.07 -10.21
N1 ANP D . -5.97 0.11 -10.40
C2 ANP D . -6.17 1.40 -10.31
C2 ANP D . -6.10 1.44 -10.40
N3 ANP D . -5.18 2.28 -10.49
N3 ANP D . -5.05 2.29 -10.46
C4 ANP D . -3.90 1.85 -10.61
C4 ANP D . -3.78 1.80 -10.53
MG MG E . 4.33 1.54 -9.42
#